data_1REE
#
_entry.id   1REE
#
_cell.length_a   81.840
_cell.length_b   60.810
_cell.length_c   38.090
_cell.angle_alpha   90.00
_cell.angle_beta   94.20
_cell.angle_gamma   90.00
#
_symmetry.space_group_name_H-M   'P 1 21 1'
#
loop_
_entity.id
_entity.type
_entity.pdbx_description
1 polymer 'ENDO-1,4-BETA-XYLANASE II'
2 non-polymer '(3S)-3-hydroxybutyl beta-D-xylopyranoside'
3 non-polymer 'BENZOIC ACID'
4 water water
#
_entity_poly.entity_id   1
_entity_poly.type   'polypeptide(L)'
_entity_poly.pdbx_seq_one_letter_code
;(PCA)TIQPGTGYNNGYFYSYWNDGHGGVTYTNGPGGQFSVNWSNSGNFVGGKGWQPGTKNKVINFSGSYNPNGNSYLSV
YGWSRNPLIEYYIVENFGTYNPSTGATKLGEVTSDGSVYDIYRTQRVNQPSIIGTATFYQYWSVRRNHRSSGSVNTANHF
NAWAQQGLTLGTMDYQIVAVEGYFSSGSASITVS
;
_entity_poly.pdbx_strand_id   A,B
#
loop_
_chem_comp.id
_chem_comp.type
_chem_comp.name
_chem_comp.formula
07E D-saccharide '(3S)-3-hydroxybutyl beta-D-xylopyranoside' 'C9 H18 O6'
BEZ non-polymer 'BENZOIC ACID' 'C7 H6 O2'
#
# COMPACT_ATOMS: atom_id res chain seq x y z
N PCA A 1 -1.68 9.58 12.51
CA PCA A 1 -2.97 8.84 12.46
CB PCA A 1 -3.75 9.37 11.26
CG PCA A 1 -2.75 9.99 10.37
CD PCA A 1 -1.50 10.22 11.19
OE PCA A 1 -0.54 10.86 10.75
C PCA A 1 -2.76 7.34 12.30
O PCA A 1 -1.67 6.90 11.91
N THR A 2 -3.79 6.58 12.61
CA THR A 2 -3.77 5.13 12.50
C THR A 2 -3.90 4.80 11.01
N ILE A 3 -2.96 4.03 10.50
CA ILE A 3 -2.94 3.68 9.09
C ILE A 3 -2.77 2.18 8.83
N GLN A 4 -3.06 1.78 7.60
CA GLN A 4 -2.87 0.39 7.17
C GLN A 4 -1.42 0.35 6.69
N PRO A 5 -0.87 -0.86 6.47
CA PRO A 5 0.52 -0.98 6.01
C PRO A 5 0.88 -0.09 4.81
N GLY A 6 2.04 0.55 4.90
CA GLY A 6 2.51 1.41 3.84
C GLY A 6 3.76 2.16 4.28
N THR A 7 4.28 3.02 3.40
CA THR A 7 5.47 3.81 3.75
C THR A 7 5.23 5.24 3.28
N GLY A 8 6.07 6.16 3.73
CA GLY A 8 5.93 7.55 3.36
C GLY A 8 6.63 8.43 4.38
N TYR A 9 6.31 9.70 4.39
CA TYR A 9 6.90 10.64 5.33
C TYR A 9 5.79 11.24 6.18
N ASN A 10 6.07 11.39 7.47
CA ASN A 10 5.11 11.92 8.41
C ASN A 10 5.77 12.85 9.42
N ASN A 11 5.36 14.11 9.39
CA ASN A 11 5.89 15.12 10.31
C ASN A 11 7.40 15.28 10.24
N GLY A 12 7.95 15.03 9.06
CA GLY A 12 9.37 15.17 8.83
C GLY A 12 10.17 13.88 8.81
N TYR A 13 9.54 12.77 9.18
CA TYR A 13 10.23 11.49 9.24
C TYR A 13 9.66 10.41 8.35
N PHE A 14 10.54 9.59 7.80
CA PHE A 14 10.12 8.47 6.98
C PHE A 14 9.53 7.45 7.94
N TYR A 15 8.51 6.72 7.49
CA TYR A 15 7.92 5.69 8.31
C TYR A 15 7.69 4.48 7.41
N SER A 16 7.58 3.32 8.04
CA SER A 16 7.32 2.10 7.30
C SER A 16 6.56 1.20 8.24
N TYR A 17 5.43 0.67 7.77
CA TYR A 17 4.63 -0.22 8.58
C TYR A 17 4.19 -1.36 7.69
N TRP A 18 4.46 -2.58 8.16
CA TRP A 18 4.10 -3.77 7.44
C TRP A 18 3.63 -4.86 8.40
N ASN A 19 2.72 -5.70 7.91
CA ASN A 19 2.23 -6.83 8.68
C ASN A 19 1.87 -7.95 7.71
N ASP A 20 1.84 -9.16 8.23
CA ASP A 20 1.54 -10.33 7.43
C ASP A 20 0.06 -10.56 7.12
N GLY A 21 -0.78 -9.59 7.48
CA GLY A 21 -2.22 -9.71 7.23
C GLY A 21 -2.98 -10.54 8.25
N HIS A 22 -2.28 -10.95 9.31
CA HIS A 22 -2.87 -11.76 10.37
C HIS A 22 -3.90 -11.02 11.22
N GLY A 23 -3.64 -9.76 11.53
CA GLY A 23 -4.57 -9.01 12.34
C GLY A 23 -4.13 -8.94 13.80
N GLY A 24 -4.75 -8.01 14.54
CA GLY A 24 -4.40 -7.84 15.94
C GLY A 24 -3.37 -6.75 16.17
N VAL A 25 -3.03 -6.00 15.13
CA VAL A 25 -2.04 -4.92 15.24
C VAL A 25 -2.62 -3.57 14.83
N THR A 26 -2.23 -2.53 15.56
CA THR A 26 -2.68 -1.16 15.30
C THR A 26 -1.51 -0.20 15.35
N TYR A 27 -1.14 0.32 14.18
CA TYR A 27 -0.03 1.25 14.05
C TYR A 27 -0.57 2.67 13.86
N THR A 28 -0.01 3.62 14.60
CA THR A 28 -0.43 5.01 14.55
C THR A 28 0.75 5.96 14.46
N ASN A 29 0.75 6.84 13.47
CA ASN A 29 1.82 7.84 13.34
C ASN A 29 1.48 9.01 14.27
N GLY A 30 2.43 9.41 15.10
CA GLY A 30 2.20 10.50 16.03
C GLY A 30 2.94 11.78 15.70
N PRO A 31 2.93 12.78 16.61
CA PRO A 31 3.60 14.06 16.39
C PRO A 31 5.11 13.89 16.23
N GLY A 32 5.71 14.68 15.34
CA GLY A 32 7.15 14.61 15.13
C GLY A 32 7.65 13.22 14.78
N GLY A 33 8.63 12.74 15.54
CA GLY A 33 9.19 11.42 15.29
C GLY A 33 8.56 10.30 16.09
N GLN A 34 7.33 10.53 16.56
CA GLN A 34 6.66 9.52 17.38
C GLN A 34 5.71 8.62 16.60
N PHE A 35 5.66 7.36 17.03
CA PHE A 35 4.75 6.37 16.48
C PHE A 35 4.37 5.45 17.66
N SER A 36 3.17 4.90 17.60
CA SER A 36 2.66 4.01 18.64
C SER A 36 2.16 2.74 18.00
N VAL A 37 2.39 1.62 18.67
CA VAL A 37 1.96 0.32 18.19
C VAL A 37 1.29 -0.40 19.35
N ASN A 38 0.08 -0.88 19.12
CA ASN A 38 -0.65 -1.64 20.12
C ASN A 38 -1.04 -2.93 19.44
N TRP A 39 -0.68 -4.06 20.03
CA TRP A 39 -1.03 -5.33 19.44
C TRP A 39 -1.51 -6.39 20.43
N SER A 40 -2.32 -7.31 19.93
CA SER A 40 -2.89 -8.36 20.77
C SER A 40 -3.07 -9.60 19.92
N ASN A 41 -2.37 -10.66 20.29
CA ASN A 41 -2.44 -11.94 19.59
C ASN A 41 -2.28 -11.70 18.09
N SER A 42 -1.23 -10.94 17.77
CA SER A 42 -0.91 -10.57 16.40
C SER A 42 -0.23 -11.66 15.60
N GLY A 43 0.16 -11.29 14.38
CA GLY A 43 0.91 -12.18 13.53
C GLY A 43 2.29 -11.57 13.58
N ASN A 44 2.97 -11.51 12.45
CA ASN A 44 4.31 -10.92 12.37
C ASN A 44 4.14 -9.50 11.78
N PHE A 45 4.78 -8.52 12.39
CA PHE A 45 4.69 -7.14 11.90
C PHE A 45 5.94 -6.34 12.23
N VAL A 46 6.14 -5.24 11.50
CA VAL A 46 7.27 -4.34 11.71
C VAL A 46 6.81 -2.91 11.43
N GLY A 47 7.02 -2.01 12.40
CA GLY A 47 6.62 -0.62 12.23
C GLY A 47 7.58 0.34 12.92
N GLY A 48 7.87 1.47 12.29
CA GLY A 48 8.77 2.43 12.89
C GLY A 48 9.00 3.70 12.08
N LYS A 49 9.78 4.61 12.64
CA LYS A 49 10.06 5.88 11.99
C LYS A 49 11.55 6.11 11.89
N GLY A 50 11.97 6.89 10.90
CA GLY A 50 13.38 7.15 10.73
C GLY A 50 13.68 8.01 9.53
N TRP A 51 14.61 7.54 8.70
CA TRP A 51 15.04 8.29 7.52
C TRP A 51 15.10 7.42 6.26
N GLN A 52 14.98 8.08 5.13
CA GLN A 52 15.05 7.43 3.82
C GLN A 52 15.64 8.46 2.85
N PRO A 53 16.94 8.32 2.51
CA PRO A 53 17.85 7.27 2.97
C PRO A 53 18.53 7.57 4.31
N GLY A 54 19.09 6.53 4.91
CA GLY A 54 19.80 6.68 6.16
C GLY A 54 21.27 6.89 5.85
N THR A 55 22.11 7.02 6.88
CA THR A 55 23.54 7.22 6.67
C THR A 55 24.37 6.20 7.46
N LYS A 56 25.68 6.22 7.25
CA LYS A 56 26.56 5.29 7.95
C LYS A 56 27.14 5.88 9.23
N ASN A 57 26.80 7.13 9.51
CA ASN A 57 27.32 7.78 10.71
C ASN A 57 26.26 8.51 11.51
N LYS A 58 24.99 8.16 11.29
CA LYS A 58 23.91 8.80 12.01
C LYS A 58 23.88 8.37 13.47
N VAL A 59 23.61 9.33 14.35
CA VAL A 59 23.47 9.05 15.78
C VAL A 59 21.97 9.15 15.99
N ILE A 60 21.34 8.04 16.32
CA ILE A 60 19.90 7.99 16.51
C ILE A 60 19.47 8.02 17.96
N ASN A 61 18.56 8.94 18.27
CA ASN A 61 18.04 9.08 19.62
C ASN A 61 16.61 8.57 19.63
N PHE A 62 16.24 7.91 20.72
CA PHE A 62 14.89 7.39 20.86
C PHE A 62 14.51 7.34 22.32
N SER A 63 13.23 7.46 22.58
CA SER A 63 12.74 7.41 23.95
C SER A 63 11.27 7.09 23.89
N GLY A 64 10.73 6.62 25.01
CA GLY A 64 9.32 6.27 25.05
C GLY A 64 9.12 5.06 25.90
N SER A 65 8.01 4.37 25.68
CA SER A 65 7.68 3.18 26.44
C SER A 65 7.60 1.96 25.53
N TYR A 66 8.18 0.87 26.00
CA TYR A 66 8.19 -0.37 25.26
C TYR A 66 7.78 -1.47 26.23
N ASN A 67 6.57 -1.98 26.05
CA ASN A 67 6.06 -3.01 26.94
C ASN A 67 5.61 -4.25 26.16
N PRO A 68 6.57 -5.11 25.79
CA PRO A 68 6.23 -6.33 25.04
C PRO A 68 5.65 -7.40 25.95
N ASN A 69 4.71 -8.17 25.43
CA ASN A 69 4.09 -9.25 26.17
C ASN A 69 4.30 -10.48 25.30
N GLY A 70 5.54 -10.94 25.27
CA GLY A 70 5.89 -12.10 24.47
C GLY A 70 7.04 -11.80 23.51
N ASN A 71 7.00 -12.43 22.33
CA ASN A 71 8.02 -12.27 21.29
C ASN A 71 7.93 -10.93 20.55
N SER A 72 8.94 -10.08 20.75
CA SER A 72 8.99 -8.76 20.14
C SER A 72 10.40 -8.17 20.28
N TYR A 73 10.79 -7.26 19.39
CA TYR A 73 12.11 -6.61 19.45
C TYR A 73 11.96 -5.09 19.24
N LEU A 74 12.90 -4.34 19.79
CA LEU A 74 12.95 -2.89 19.63
C LEU A 74 14.35 -2.67 19.11
N SER A 75 14.48 -2.14 17.90
CA SER A 75 15.81 -1.94 17.34
C SER A 75 15.95 -0.95 16.20
N VAL A 76 17.20 -0.61 15.89
CA VAL A 76 17.50 0.26 14.76
C VAL A 76 17.54 -0.78 13.63
N TYR A 77 16.66 -0.60 12.64
CA TYR A 77 16.52 -1.54 11.54
C TYR A 77 16.63 -0.89 10.16
N GLY A 78 17.31 -1.56 9.24
CA GLY A 78 17.45 -1.00 7.91
C GLY A 78 18.01 -1.93 6.87
N TRP A 79 18.25 -1.37 5.69
CA TRP A 79 18.77 -2.11 4.55
C TRP A 79 19.89 -1.38 3.84
N SER A 80 20.67 -2.15 3.10
CA SER A 80 21.77 -1.66 2.28
C SER A 80 21.64 -2.38 0.96
N ARG A 81 22.13 -1.73 -0.10
CA ARG A 81 22.11 -2.31 -1.44
C ARG A 81 23.55 -2.34 -1.92
N ASN A 82 23.88 -3.36 -2.71
CA ASN A 82 25.22 -3.49 -3.27
C ASN A 82 26.33 -3.33 -2.23
N PRO A 83 26.45 -4.29 -1.30
CA PRO A 83 25.66 -5.51 -1.14
C PRO A 83 24.28 -5.35 -0.48
N LEU A 84 23.41 -6.31 -0.77
CA LEU A 84 22.07 -6.34 -0.19
C LEU A 84 22.19 -6.93 1.21
N ILE A 85 21.91 -6.10 2.21
CA ILE A 85 21.99 -6.51 3.60
C ILE A 85 20.82 -5.95 4.39
N GLU A 86 20.29 -6.78 5.29
CA GLU A 86 19.20 -6.39 6.17
C GLU A 86 19.88 -6.38 7.54
N TYR A 87 19.76 -5.30 8.30
CA TYR A 87 20.45 -5.25 9.59
C TYR A 87 19.59 -4.82 10.78
N TYR A 88 20.03 -5.22 11.97
CA TYR A 88 19.37 -4.91 13.23
C TYR A 88 20.37 -4.57 14.33
N ILE A 89 20.06 -3.53 15.09
CA ILE A 89 20.87 -3.14 16.23
C ILE A 89 19.80 -3.19 17.32
N VAL A 90 19.63 -4.37 17.91
CA VAL A 90 18.62 -4.63 18.94
C VAL A 90 18.94 -4.03 20.29
N GLU A 91 18.02 -3.18 20.76
CA GLU A 91 18.16 -2.50 22.04
C GLU A 91 17.39 -3.17 23.16
N ASN A 92 16.32 -3.85 22.80
CA ASN A 92 15.46 -4.52 23.79
C ASN A 92 14.64 -5.58 23.06
N PHE A 93 14.23 -6.61 23.79
CA PHE A 93 13.40 -7.66 23.23
C PHE A 93 12.63 -8.37 24.33
N GLY A 94 11.55 -9.05 23.95
CA GLY A 94 10.74 -9.76 24.91
C GLY A 94 11.24 -11.11 25.36
N THR A 95 10.44 -12.14 25.09
CA THR A 95 10.75 -13.50 25.50
C THR A 95 11.75 -14.28 24.64
N TYR A 96 12.04 -13.77 23.44
CA TYR A 96 12.93 -14.48 22.55
C TYR A 96 14.09 -13.64 22.02
N ASN A 97 15.31 -14.14 22.19
CA ASN A 97 16.51 -13.46 21.70
C ASN A 97 16.55 -13.75 20.20
N PRO A 98 16.45 -12.70 19.37
CA PRO A 98 16.47 -12.77 17.89
C PRO A 98 17.72 -13.38 17.26
N SER A 99 18.80 -13.44 18.02
CA SER A 99 20.04 -14.01 17.52
C SER A 99 20.11 -15.52 17.74
N THR A 100 19.00 -16.09 18.23
CA THR A 100 18.95 -17.53 18.48
C THR A 100 19.16 -18.26 17.15
N GLY A 101 20.25 -19.04 17.08
CA GLY A 101 20.55 -19.80 15.88
C GLY A 101 21.50 -19.13 14.91
N ALA A 102 21.82 -17.86 15.16
CA ALA A 102 22.72 -17.11 14.31
C ALA A 102 24.17 -17.39 14.70
N THR A 103 25.09 -17.01 13.83
CA THR A 103 26.52 -17.24 14.11
C THR A 103 27.20 -16.00 14.68
N LYS A 104 27.67 -16.12 15.92
CA LYS A 104 28.35 -15.01 16.58
C LYS A 104 29.69 -14.75 15.92
N LEU A 105 29.94 -13.50 15.58
CA LEU A 105 31.17 -13.10 14.93
C LEU A 105 32.09 -12.37 15.90
N GLY A 106 31.50 -11.70 16.88
CA GLY A 106 32.29 -10.96 17.85
C GLY A 106 31.46 -10.11 18.77
N GLU A 107 32.08 -9.08 19.34
CA GLU A 107 31.43 -8.17 20.27
C GLU A 107 31.88 -6.75 20.02
N VAL A 108 31.07 -5.78 20.43
CA VAL A 108 31.37 -4.37 20.26
C VAL A 108 30.78 -3.58 21.41
N THR A 109 31.51 -2.60 21.92
CA THR A 109 31.00 -1.76 23.00
C THR A 109 30.53 -0.47 22.38
N SER A 110 29.30 -0.08 22.71
CA SER A 110 28.76 1.15 22.17
C SER A 110 27.61 1.65 23.02
N ASP A 111 27.62 2.96 23.27
CA ASP A 111 26.57 3.62 24.04
C ASP A 111 26.18 2.97 25.39
N GLY A 112 27.19 2.67 26.20
CA GLY A 112 26.97 2.11 27.52
C GLY A 112 26.72 0.62 27.69
N SER A 113 27.05 -0.16 26.66
CA SER A 113 26.85 -1.60 26.75
C SER A 113 27.59 -2.36 25.67
N VAL A 114 27.90 -3.63 25.97
CA VAL A 114 28.55 -4.49 25.01
C VAL A 114 27.41 -5.10 24.19
N TYR A 115 27.66 -5.29 22.90
CA TYR A 115 26.71 -5.88 21.97
C TYR A 115 27.36 -7.11 21.38
N ASP A 116 26.57 -8.17 21.20
CA ASP A 116 27.08 -9.38 20.57
C ASP A 116 26.72 -9.28 19.10
N ILE A 117 27.68 -9.52 18.22
CA ILE A 117 27.49 -9.45 16.77
C ILE A 117 27.23 -10.82 16.14
N TYR A 118 26.23 -10.89 15.26
CA TYR A 118 25.89 -12.14 14.58
C TYR A 118 25.61 -11.91 13.10
N ARG A 119 25.51 -13.01 12.37
CA ARG A 119 25.20 -12.96 10.96
C ARG A 119 24.44 -14.22 10.58
N THR A 120 23.48 -14.07 9.66
CA THR A 120 22.69 -15.19 9.17
C THR A 120 22.39 -14.92 7.70
N GLN A 121 22.14 -15.97 6.94
CA GLN A 121 21.82 -15.79 5.53
C GLN A 121 20.37 -16.18 5.28
N ARG A 122 19.69 -15.32 4.53
CA ARG A 122 18.30 -15.54 4.17
C ARG A 122 18.34 -15.96 2.70
N VAL A 123 17.92 -17.19 2.41
CA VAL A 123 17.93 -17.66 1.03
C VAL A 123 16.56 -17.53 0.37
N ASN A 124 16.54 -16.88 -0.79
CA ASN A 124 15.32 -16.64 -1.56
C ASN A 124 14.17 -16.11 -0.70
N GLN A 125 14.48 -15.06 0.07
CA GLN A 125 13.51 -14.41 0.93
C GLN A 125 13.13 -13.05 0.37
N PRO A 126 11.97 -12.52 0.76
CA PRO A 126 11.56 -11.21 0.26
C PRO A 126 12.49 -10.12 0.80
N SER A 127 12.72 -9.09 -0.01
CA SER A 127 13.59 -7.99 0.37
C SER A 127 13.16 -6.71 -0.33
N ILE A 128 13.92 -5.64 -0.12
CA ILE A 128 13.62 -4.35 -0.74
C ILE A 128 13.76 -4.37 -2.27
N ILE A 129 14.34 -5.45 -2.80
CA ILE A 129 14.51 -5.58 -4.25
C ILE A 129 13.76 -6.81 -4.77
N GLY A 130 12.96 -7.42 -3.89
CA GLY A 130 12.21 -8.60 -4.27
C GLY A 130 12.84 -9.86 -3.72
N THR A 131 12.41 -11.02 -4.20
CA THR A 131 12.95 -12.29 -3.75
C THR A 131 14.46 -12.35 -4.04
N ALA A 132 15.25 -12.46 -2.98
CA ALA A 132 16.69 -12.49 -3.12
C ALA A 132 17.37 -13.22 -1.97
N THR A 133 18.68 -13.43 -2.11
CA THR A 133 19.47 -14.11 -1.09
C THR A 133 20.45 -13.07 -0.56
N PHE A 134 20.41 -12.88 0.75
CA PHE A 134 21.25 -11.88 1.39
C PHE A 134 21.61 -12.25 2.81
N TYR A 135 22.53 -11.50 3.38
CA TYR A 135 22.94 -11.72 4.76
C TYR A 135 22.14 -10.78 5.64
N GLN A 136 22.06 -11.17 6.90
CA GLN A 136 21.33 -10.44 7.90
C GLN A 136 22.34 -10.21 9.03
N TYR A 137 22.62 -8.95 9.32
CA TYR A 137 23.55 -8.62 10.37
C TYR A 137 22.85 -8.20 11.65
N TRP A 138 23.42 -8.63 12.78
CA TRP A 138 22.82 -8.34 14.08
C TRP A 138 23.82 -7.80 15.09
N SER A 139 23.33 -6.90 15.94
CA SER A 139 24.07 -6.32 17.04
C SER A 139 23.02 -6.39 18.14
N VAL A 140 23.22 -7.28 19.11
CA VAL A 140 22.26 -7.44 20.21
C VAL A 140 22.81 -6.89 21.52
N ARG A 141 22.14 -5.87 22.05
CA ARG A 141 22.55 -5.22 23.30
C ARG A 141 22.34 -6.11 24.53
N ARG A 142 23.38 -6.19 25.37
CA ARG A 142 23.31 -6.99 26.58
C ARG A 142 22.44 -6.35 27.66
N ASN A 143 22.58 -5.04 27.83
CA ASN A 143 21.80 -4.29 28.82
C ASN A 143 20.61 -3.64 28.13
N HIS A 144 19.47 -4.30 28.20
CA HIS A 144 18.26 -3.79 27.55
C HIS A 144 17.79 -2.43 28.05
N ARG A 145 17.30 -1.61 27.11
CA ARG A 145 16.81 -0.28 27.40
C ARG A 145 15.74 0.11 26.37
N SER A 146 14.87 1.04 26.75
CA SER A 146 13.80 1.50 25.87
C SER A 146 13.99 2.98 25.55
N SER A 147 15.15 3.51 25.94
CA SER A 147 15.47 4.91 25.73
C SER A 147 16.99 5.09 25.68
N GLY A 148 17.45 5.90 24.73
CA GLY A 148 18.88 6.14 24.62
C GLY A 148 19.32 6.69 23.28
N SER A 149 20.61 6.57 23.02
CA SER A 149 21.22 7.05 21.78
C SER A 149 22.07 5.93 21.17
N VAL A 150 21.92 5.73 19.87
CA VAL A 150 22.66 4.72 19.14
C VAL A 150 23.56 5.38 18.11
N ASN A 151 24.86 5.14 18.24
CA ASN A 151 25.84 5.67 17.31
C ASN A 151 26.08 4.56 16.28
N THR A 152 25.33 4.61 15.18
CA THR A 152 25.42 3.59 14.13
C THR A 152 26.82 3.35 13.58
N ALA A 153 27.66 4.37 13.58
CA ALA A 153 29.02 4.23 13.07
C ALA A 153 29.79 3.15 13.83
N ASN A 154 29.58 3.06 15.14
CA ASN A 154 30.29 2.05 15.95
C ASN A 154 29.95 0.64 15.54
N HIS A 155 28.70 0.41 15.16
CA HIS A 155 28.28 -0.91 14.73
C HIS A 155 28.74 -1.18 13.32
N PHE A 156 28.57 -0.22 12.42
CA PHE A 156 28.99 -0.41 11.04
C PHE A 156 30.49 -0.65 10.95
N ASN A 157 31.25 0.03 11.82
CA ASN A 157 32.70 -0.14 11.84
C ASN A 157 33.05 -1.53 12.34
N ALA A 158 32.36 -1.96 13.40
CA ALA A 158 32.58 -3.28 13.98
C ALA A 158 32.28 -4.37 12.98
N TRP A 159 31.16 -4.23 12.28
CA TRP A 159 30.74 -5.19 11.27
C TRP A 159 31.74 -5.22 10.12
N ALA A 160 32.26 -4.05 9.76
CA ALA A 160 33.24 -3.93 8.68
C ALA A 160 34.53 -4.67 9.04
N GLN A 161 34.85 -4.71 10.33
CA GLN A 161 36.04 -5.41 10.80
C GLN A 161 35.83 -6.93 10.75
N GLN A 162 34.57 -7.34 10.66
CA GLN A 162 34.23 -8.76 10.62
C GLN A 162 33.87 -9.25 9.21
N GLY A 163 34.09 -8.41 8.21
CA GLY A 163 33.79 -8.80 6.84
C GLY A 163 32.59 -8.15 6.18
N LEU A 164 31.88 -7.26 6.88
CA LEU A 164 30.74 -6.59 6.27
C LEU A 164 31.22 -5.37 5.53
N THR A 165 30.55 -5.05 4.42
CA THR A 165 30.91 -3.89 3.62
C THR A 165 29.63 -3.25 3.09
N LEU A 166 28.93 -2.52 3.95
CA LEU A 166 27.70 -1.83 3.57
C LEU A 166 27.92 -0.96 2.33
N GLY A 167 26.98 -1.04 1.40
CA GLY A 167 27.09 -0.26 0.18
C GLY A 167 26.23 0.97 0.25
N THR A 168 25.15 0.97 -0.51
CA THR A 168 24.21 2.09 -0.55
C THR A 168 23.12 1.92 0.50
N MET A 169 23.08 2.85 1.44
CA MET A 169 22.08 2.81 2.51
C MET A 169 20.69 3.16 2.01
N ASP A 170 19.72 2.28 2.31
CA ASP A 170 18.33 2.50 1.95
C ASP A 170 17.69 3.07 3.23
N TYR A 171 16.49 2.66 3.62
CA TYR A 171 15.90 3.23 4.83
C TYR A 171 16.57 2.78 6.13
N GLN A 172 16.38 3.58 7.18
CA GLN A 172 16.98 3.35 8.48
C GLN A 172 15.98 3.89 9.50
N ILE A 173 15.35 3.00 10.27
CA ILE A 173 14.35 3.41 11.23
C ILE A 173 14.55 2.75 12.59
N VAL A 174 13.79 3.23 13.58
CA VAL A 174 13.81 2.62 14.90
C VAL A 174 12.48 1.88 14.80
N ALA A 175 12.55 0.55 14.83
CA ALA A 175 11.35 -0.24 14.67
C ALA A 175 10.99 -1.19 15.81
N VAL A 176 9.69 -1.44 15.92
CA VAL A 176 9.15 -2.38 16.89
C VAL A 176 8.65 -3.54 16.03
N GLU A 177 9.15 -4.73 16.30
CA GLU A 177 8.73 -5.90 15.57
C GLU A 177 8.05 -6.84 16.54
N GLY A 178 6.95 -7.44 16.11
CA GLY A 178 6.24 -8.38 16.95
C GLY A 178 6.08 -9.69 16.20
N TYR A 179 6.01 -10.78 16.94
CA TYR A 179 5.84 -12.10 16.33
C TYR A 179 4.88 -12.94 17.15
N PHE A 180 3.63 -12.96 16.71
CA PHE A 180 2.56 -13.73 17.36
C PHE A 180 2.52 -13.49 18.86
N SER A 181 2.46 -12.24 19.24
CA SER A 181 2.43 -11.87 20.65
C SER A 181 1.49 -10.69 20.88
N SER A 182 1.69 -9.99 21.98
CA SER A 182 0.88 -8.84 22.35
C SER A 182 1.81 -7.78 22.94
N GLY A 183 1.29 -6.57 23.12
CA GLY A 183 2.13 -5.54 23.71
C GLY A 183 1.72 -4.16 23.28
N SER A 184 2.50 -3.18 23.74
CA SER A 184 2.27 -1.79 23.40
C SER A 184 3.62 -1.10 23.41
N ALA A 185 3.74 -0.05 22.60
CA ALA A 185 4.97 0.72 22.51
C ALA A 185 4.63 2.12 22.00
N SER A 186 5.36 3.10 22.49
CA SER A 186 5.20 4.49 22.07
C SER A 186 6.63 5.00 22.06
N ILE A 187 7.19 5.11 20.86
CA ILE A 187 8.57 5.53 20.70
C ILE A 187 8.69 6.82 19.89
N THR A 188 9.60 7.68 20.30
CA THR A 188 9.84 8.94 19.60
C THR A 188 11.30 8.94 19.12
N VAL A 189 11.46 9.15 17.82
CA VAL A 189 12.77 9.18 17.18
C VAL A 189 13.18 10.63 16.87
N SER A 190 14.49 10.88 16.90
CA SER A 190 15.02 12.21 16.58
C SER A 190 16.47 12.11 16.13
N PCA B 1 -22.51 -6.32 -30.29
CA PCA B 1 -22.85 -5.35 -31.38
CB PCA B 1 -24.33 -5.52 -31.71
CG PCA B 1 -24.93 -6.32 -30.63
CD PCA B 1 -23.79 -6.92 -29.82
OE PCA B 1 -23.98 -7.77 -28.95
C PCA B 1 -22.59 -3.92 -30.94
O PCA B 1 -22.45 -3.63 -29.76
N THR B 2 -22.49 -3.03 -31.93
CA THR B 2 -22.29 -1.62 -31.70
C THR B 2 -23.66 -1.07 -31.31
N ILE B 3 -23.73 -0.44 -30.15
CA ILE B 3 -24.99 0.07 -29.64
C ILE B 3 -24.91 1.52 -29.15
N GLN B 4 -26.09 2.05 -28.84
CA GLN B 4 -26.23 3.39 -28.29
C GLN B 4 -26.30 3.20 -26.77
N PRO B 5 -26.15 4.28 -25.99
CA PRO B 5 -26.21 4.11 -24.53
C PRO B 5 -27.41 3.32 -24.01
N GLY B 6 -27.14 2.51 -23.00
CA GLY B 6 -28.16 1.69 -22.39
C GLY B 6 -27.50 0.65 -21.51
N THR B 7 -28.30 -0.15 -20.82
CA THR B 7 -27.79 -1.20 -19.95
C THR B 7 -28.52 -2.48 -20.29
N GLY B 8 -27.97 -3.60 -19.85
CA GLY B 8 -28.58 -4.88 -20.11
C GLY B 8 -27.58 -5.98 -19.89
N TYR B 9 -27.85 -7.14 -20.47
CA TYR B 9 -26.97 -8.29 -20.34
C TYR B 9 -26.57 -8.76 -21.74
N ASN B 10 -25.29 -9.06 -21.89
CA ASN B 10 -24.77 -9.51 -23.17
C ASN B 10 -23.78 -10.64 -22.94
N ASN B 11 -24.07 -11.79 -23.53
CA ASN B 11 -23.23 -12.99 -23.43
C ASN B 11 -22.94 -13.41 -21.99
N GLY B 12 -23.91 -13.18 -21.12
CA GLY B 12 -23.77 -13.57 -19.71
C GLY B 12 -23.40 -12.47 -18.73
N TYR B 13 -22.89 -11.34 -19.24
CA TYR B 13 -22.46 -10.24 -18.38
C TYR B 13 -23.32 -8.99 -18.48
N PHE B 14 -23.37 -8.22 -17.39
CA PHE B 14 -24.11 -6.98 -17.38
C PHE B 14 -23.24 -5.91 -18.06
N TYR B 15 -23.88 -4.97 -18.75
CA TYR B 15 -23.14 -3.89 -19.38
C TYR B 15 -23.87 -2.58 -19.19
N SER B 16 -23.11 -1.50 -19.16
CA SER B 16 -23.66 -0.17 -19.03
C SER B 16 -22.83 0.75 -19.91
N TYR B 17 -23.51 1.48 -20.78
CA TYR B 17 -22.85 2.42 -21.67
C TYR B 17 -23.59 3.75 -21.55
N TRP B 18 -22.83 4.81 -21.32
CA TRP B 18 -23.39 6.15 -21.17
C TRP B 18 -22.49 7.22 -21.81
N ASN B 19 -23.11 8.24 -22.39
CA ASN B 19 -22.37 9.35 -22.98
C ASN B 19 -23.12 10.66 -22.74
N ASP B 20 -22.44 11.78 -22.98
CA ASP B 20 -23.02 13.10 -22.77
C ASP B 20 -23.81 13.67 -23.96
N GLY B 21 -23.83 12.94 -25.07
CA GLY B 21 -24.53 13.41 -26.25
C GLY B 21 -23.59 13.80 -27.36
N HIS B 22 -22.37 14.15 -26.99
CA HIS B 22 -21.34 14.53 -27.96
C HIS B 22 -20.97 13.25 -28.73
N GLY B 23 -20.74 13.39 -30.03
CA GLY B 23 -20.38 12.24 -30.84
C GLY B 23 -18.92 11.84 -30.67
N GLY B 24 -18.43 11.04 -31.62
CA GLY B 24 -17.04 10.59 -31.57
C GLY B 24 -16.76 9.34 -30.75
N VAL B 25 -17.81 8.63 -30.35
CA VAL B 25 -17.64 7.40 -29.55
C VAL B 25 -18.40 6.21 -30.11
N THR B 26 -17.70 5.07 -30.21
CA THR B 26 -18.28 3.84 -30.70
C THR B 26 -18.07 2.73 -29.68
N TYR B 27 -19.17 2.31 -29.05
CA TYR B 27 -19.13 1.24 -28.06
C TYR B 27 -19.68 -0.03 -28.69
N THR B 28 -18.92 -1.12 -28.54
CA THR B 28 -19.30 -2.41 -29.11
C THR B 28 -19.21 -3.55 -28.09
N ASN B 29 -20.31 -4.28 -27.91
CA ASN B 29 -20.29 -5.42 -27.01
C ASN B 29 -19.73 -6.59 -27.80
N GLY B 30 -18.74 -7.27 -27.25
CA GLY B 30 -18.12 -8.39 -27.92
C GLY B 30 -18.43 -9.72 -27.30
N PRO B 31 -17.77 -10.80 -27.77
CA PRO B 31 -17.99 -12.15 -27.25
C PRO B 31 -17.61 -12.30 -25.78
N GLY B 32 -18.39 -13.10 -25.04
CA GLY B 32 -18.11 -13.32 -23.64
C GLY B 32 -18.13 -12.05 -22.80
N GLY B 33 -17.06 -11.82 -22.05
CA GLY B 33 -16.98 -10.63 -21.22
C GLY B 33 -16.19 -9.49 -21.85
N GLN B 34 -16.11 -9.50 -23.18
CA GLN B 34 -15.37 -8.48 -23.91
C GLN B 34 -16.21 -7.32 -24.43
N PHE B 35 -15.61 -6.13 -24.46
CA PHE B 35 -16.25 -4.93 -24.99
C PHE B 35 -15.13 -4.08 -25.62
N SER B 36 -15.47 -3.34 -26.66
CA SER B 36 -14.50 -2.49 -27.33
C SER B 36 -15.04 -1.08 -27.42
N VAL B 37 -14.16 -0.10 -27.27
CA VAL B 37 -14.55 1.29 -27.39
C VAL B 37 -13.52 1.99 -28.26
N ASN B 38 -14.00 2.70 -29.26
CA ASN B 38 -13.12 3.43 -30.15
C ASN B 38 -13.69 4.83 -30.17
N TRP B 39 -12.87 5.81 -29.81
CA TRP B 39 -13.34 7.17 -29.79
C TRP B 39 -12.34 8.15 -30.41
N SER B 40 -12.86 9.21 -31.01
CA SER B 40 -12.02 10.21 -31.66
C SER B 40 -12.66 11.57 -31.47
N ASN B 41 -11.97 12.44 -30.73
CA ASN B 41 -12.44 13.79 -30.44
C ASN B 41 -13.86 13.68 -29.90
N SER B 42 -13.99 12.88 -28.85
CA SER B 42 -15.27 12.60 -28.19
C SER B 42 -15.65 13.66 -27.18
N GLY B 43 -16.72 13.35 -26.45
CA GLY B 43 -17.19 14.20 -25.39
C GLY B 43 -16.86 13.41 -24.13
N ASN B 44 -17.83 13.32 -23.23
CA ASN B 44 -17.67 12.59 -21.97
C ASN B 44 -18.49 11.30 -22.05
N PHE B 45 -17.83 10.16 -21.83
CA PHE B 45 -18.50 8.86 -21.88
C PHE B 45 -17.90 7.84 -20.89
N VAL B 46 -18.65 6.77 -20.66
CA VAL B 46 -18.21 5.68 -19.79
C VAL B 46 -18.97 4.40 -20.16
N GLY B 47 -18.22 3.32 -20.39
CA GLY B 47 -18.84 2.07 -20.75
C GLY B 47 -18.01 0.85 -20.34
N GLY B 48 -18.69 -0.26 -20.11
CA GLY B 48 -17.99 -1.48 -19.72
C GLY B 48 -18.91 -2.64 -19.36
N LYS B 49 -18.30 -3.79 -19.07
CA LYS B 49 -19.04 -4.99 -18.71
C LYS B 49 -18.70 -5.40 -17.28
N GLY B 50 -19.64 -6.11 -16.65
CA GLY B 50 -19.42 -6.54 -15.30
C GLY B 50 -20.60 -7.28 -14.70
N TRP B 51 -20.99 -6.84 -13.50
CA TRP B 51 -22.06 -7.47 -12.76
C TRP B 51 -23.12 -6.51 -12.20
N GLN B 52 -24.33 -7.02 -12.05
CA GLN B 52 -25.45 -6.27 -11.50
C GLN B 52 -26.25 -7.29 -10.73
N PRO B 53 -26.17 -7.24 -9.39
CA PRO B 53 -25.39 -6.28 -8.60
C PRO B 53 -23.97 -6.76 -8.34
N GLY B 54 -23.14 -5.85 -7.85
CA GLY B 54 -21.78 -6.19 -7.51
C GLY B 54 -21.75 -6.71 -6.10
N THR B 55 -20.57 -7.09 -5.62
CA THR B 55 -20.42 -7.58 -4.26
C THR B 55 -19.23 -6.87 -3.63
N LYS B 56 -19.15 -6.93 -2.30
CA LYS B 56 -18.06 -6.27 -1.59
C LYS B 56 -16.83 -7.16 -1.43
N ASN B 57 -16.84 -8.35 -2.04
CA ASN B 57 -15.70 -9.26 -1.94
C ASN B 57 -15.28 -9.85 -3.29
N LYS B 58 -15.77 -9.28 -4.37
CA LYS B 58 -15.46 -9.78 -5.70
C LYS B 58 -14.01 -9.56 -6.16
N VAL B 59 -13.44 -10.59 -6.77
CA VAL B 59 -12.10 -10.51 -7.32
C VAL B 59 -12.37 -10.40 -8.82
N ILE B 60 -12.07 -9.23 -9.37
CA ILE B 60 -12.32 -8.96 -10.78
C ILE B 60 -11.07 -9.11 -11.65
N ASN B 61 -11.23 -9.88 -12.73
CA ASN B 61 -10.13 -10.10 -13.64
C ASN B 61 -10.41 -9.34 -14.93
N PHE B 62 -9.36 -8.78 -15.52
CA PHE B 62 -9.50 -8.05 -16.76
C PHE B 62 -8.21 -8.13 -17.57
N SER B 63 -8.34 -8.03 -18.88
CA SER B 63 -7.19 -8.09 -19.75
C SER B 63 -7.57 -7.52 -21.11
N GLY B 64 -6.58 -7.04 -21.84
CA GLY B 64 -6.85 -6.50 -23.14
C GLY B 64 -5.93 -5.35 -23.46
N SER B 65 -6.35 -4.53 -24.42
CA SER B 65 -5.55 -3.40 -24.83
C SER B 65 -6.25 -2.11 -24.47
N TYR B 66 -5.47 -1.16 -23.96
CA TYR B 66 -5.96 0.14 -23.58
C TYR B 66 -4.98 1.15 -24.15
N ASN B 67 -5.42 1.89 -25.15
CA ASN B 67 -4.58 2.87 -25.82
C ASN B 67 -5.25 4.23 -25.83
N PRO B 68 -5.20 4.95 -24.70
CA PRO B 68 -5.81 6.28 -24.61
C PRO B 68 -4.96 7.34 -25.31
N ASN B 69 -5.61 8.33 -25.89
CA ASN B 69 -4.92 9.42 -26.57
C ASN B 69 -5.50 10.69 -25.98
N GLY B 70 -5.07 11.00 -24.76
CA GLY B 70 -5.56 12.17 -24.06
C GLY B 70 -6.21 11.78 -22.74
N ASN B 71 -7.23 12.53 -22.37
CA ASN B 71 -7.95 12.34 -21.11
C ASN B 71 -8.85 11.10 -21.12
N SER B 72 -8.48 10.10 -20.34
CA SER B 72 -9.24 8.86 -20.24
C SER B 72 -8.72 7.98 -19.11
N TYR B 73 -9.55 7.06 -18.62
CA TYR B 73 -9.12 6.12 -17.59
C TYR B 73 -9.83 4.78 -17.61
N LEU B 74 -9.11 3.76 -17.16
CA LEU B 74 -9.60 2.38 -17.09
C LEU B 74 -9.74 2.04 -15.61
N SER B 75 -10.90 1.54 -15.20
CA SER B 75 -11.08 1.23 -13.79
C SER B 75 -12.26 0.35 -13.45
N VAL B 76 -12.25 -0.16 -12.23
CA VAL B 76 -13.39 -0.93 -11.71
C VAL B 76 -14.29 0.24 -11.28
N TYR B 77 -15.49 0.29 -11.83
CA TYR B 77 -16.44 1.38 -11.58
C TYR B 77 -17.80 0.87 -11.06
N GLY B 78 -18.37 1.58 -10.09
CA GLY B 78 -19.65 1.14 -9.57
C GLY B 78 -20.37 2.12 -8.66
N TRP B 79 -21.53 1.69 -8.18
CA TRP B 79 -22.36 2.51 -7.31
C TRP B 79 -22.89 1.75 -6.11
N SER B 80 -23.25 2.52 -5.08
CA SER B 80 -23.84 1.99 -3.86
C SER B 80 -25.07 2.84 -3.62
N ARG B 81 -26.06 2.29 -2.93
CA ARG B 81 -27.28 3.00 -2.59
C ARG B 81 -27.39 2.90 -1.08
N ASN B 82 -27.87 3.97 -0.45
CA ASN B 82 -28.06 4.03 1.00
C ASN B 82 -26.83 3.57 1.77
N PRO B 83 -25.77 4.39 1.75
CA PRO B 83 -25.64 5.68 1.07
C PRO B 83 -25.34 5.62 -0.43
N LEU B 84 -25.70 6.69 -1.13
CA LEU B 84 -25.46 6.82 -2.57
C LEU B 84 -23.98 7.21 -2.74
N ILE B 85 -23.21 6.32 -3.35
CA ILE B 85 -21.78 6.54 -3.55
C ILE B 85 -21.38 6.04 -4.94
N GLU B 86 -20.51 6.80 -5.60
CA GLU B 86 -19.99 6.42 -6.90
C GLU B 86 -18.52 6.18 -6.58
N TYR B 87 -18.00 5.01 -6.96
CA TYR B 87 -16.61 4.70 -6.64
C TYR B 87 -15.78 4.25 -7.84
N TYR B 88 -14.47 4.45 -7.73
CA TYR B 88 -13.53 4.09 -8.79
C TYR B 88 -12.24 3.46 -8.21
N ILE B 89 -11.79 2.40 -8.88
CA ILE B 89 -10.54 1.72 -8.55
C ILE B 89 -9.82 1.84 -9.89
N VAL B 90 -9.11 2.95 -10.06
CA VAL B 90 -8.40 3.27 -11.30
C VAL B 90 -7.10 2.50 -11.51
N GLU B 91 -7.08 1.68 -12.56
CA GLU B 91 -5.93 0.84 -12.89
C GLU B 91 -4.94 1.48 -13.88
N ASN B 92 -5.43 2.43 -14.68
CA ASN B 92 -4.62 3.09 -15.67
C ASN B 92 -5.35 4.32 -16.17
N PHE B 93 -4.60 5.34 -16.57
CA PHE B 93 -5.21 6.57 -17.09
C PHE B 93 -4.30 7.26 -18.11
N GLY B 94 -4.89 8.17 -18.87
CA GLY B 94 -4.16 8.89 -19.90
C GLY B 94 -3.35 10.08 -19.41
N THR B 95 -3.58 11.22 -20.05
CA THR B 95 -2.86 12.46 -19.74
C THR B 95 -3.27 13.19 -18.46
N TYR B 96 -4.41 12.85 -17.91
CA TYR B 96 -4.89 13.52 -16.71
C TYR B 96 -5.17 12.56 -15.56
N ASN B 97 -4.62 12.86 -14.39
CA ASN B 97 -4.87 12.04 -13.20
C ASN B 97 -6.25 12.45 -12.72
N PRO B 98 -7.23 11.53 -12.81
CA PRO B 98 -8.61 11.78 -12.40
C PRO B 98 -8.80 12.19 -10.93
N SER B 99 -7.77 12.01 -10.11
CA SER B 99 -7.84 12.37 -8.70
C SER B 99 -7.38 13.79 -8.43
N THR B 100 -7.11 14.54 -9.51
CA THR B 100 -6.67 15.93 -9.39
C THR B 100 -7.80 16.75 -8.76
N GLY B 101 -7.49 17.46 -7.67
CA GLY B 101 -8.49 18.27 -7.00
C GLY B 101 -9.35 17.55 -5.96
N ALA B 102 -9.09 16.26 -5.75
CA ALA B 102 -9.81 15.48 -4.75
C ALA B 102 -8.93 15.43 -3.50
N THR B 103 -9.53 15.21 -2.33
CA THR B 103 -8.76 15.16 -1.10
C THR B 103 -8.25 13.76 -0.79
N LYS B 104 -6.94 13.65 -0.57
CA LYS B 104 -6.34 12.36 -0.27
C LYS B 104 -6.56 11.97 1.19
N LEU B 105 -7.06 10.76 1.38
CA LEU B 105 -7.36 10.22 2.70
C LEU B 105 -6.29 9.26 3.19
N GLY B 106 -5.59 8.62 2.26
CA GLY B 106 -4.55 7.69 2.65
C GLY B 106 -4.04 6.84 1.50
N GLU B 107 -3.43 5.71 1.84
CA GLU B 107 -2.87 4.78 0.85
C GLU B 107 -3.12 3.34 1.27
N VAL B 108 -3.24 2.46 0.28
CA VAL B 108 -3.47 1.03 0.53
C VAL B 108 -2.71 0.24 -0.52
N THR B 109 -2.10 -0.87 -0.09
CA THR B 109 -1.36 -1.71 -1.03
C THR B 109 -2.26 -2.88 -1.38
N SER B 110 -2.42 -3.11 -2.68
CA SER B 110 -3.26 -4.19 -3.14
C SER B 110 -2.84 -4.63 -4.52
N ASP B 111 -2.86 -5.94 -4.75
CA ASP B 111 -2.53 -6.55 -6.03
C ASP B 111 -1.25 -6.06 -6.72
N GLY B 112 -0.18 -5.96 -5.95
CA GLY B 112 1.09 -5.56 -6.51
C GLY B 112 1.37 -4.07 -6.65
N SER B 113 0.55 -3.23 -6.02
CA SER B 113 0.78 -1.79 -6.11
C SER B 113 0.12 -0.98 -5.01
N VAL B 114 0.70 0.19 -4.77
CA VAL B 114 0.16 1.12 -3.80
C VAL B 114 -0.93 1.89 -4.54
N TYR B 115 -2.00 2.21 -3.82
CA TYR B 115 -3.10 2.98 -4.37
C TYR B 115 -3.29 4.18 -3.45
N ASP B 116 -3.45 5.35 -4.04
CA ASP B 116 -3.71 6.55 -3.26
C ASP B 116 -5.23 6.63 -3.16
N ILE B 117 -5.72 6.94 -1.97
CA ILE B 117 -7.16 7.02 -1.73
C ILE B 117 -7.62 8.48 -1.66
N TYR B 118 -8.74 8.78 -2.32
CA TYR B 118 -9.29 10.13 -2.35
C TYR B 118 -10.80 10.10 -2.18
N ARG B 119 -11.36 11.25 -1.85
CA ARG B 119 -12.79 11.40 -1.68
C ARG B 119 -13.16 12.80 -2.12
N THR B 120 -14.31 12.94 -2.77
CA THR B 120 -14.78 14.23 -3.22
C THR B 120 -16.29 14.16 -3.35
N GLN B 121 -16.96 15.31 -3.30
CA GLN B 121 -18.41 15.34 -3.41
C GLN B 121 -18.89 15.88 -4.75
N ARG B 122 -20.00 15.34 -5.21
CA ARG B 122 -20.63 15.73 -6.46
C ARG B 122 -21.97 16.33 -6.04
N VAL B 123 -22.17 17.62 -6.31
CA VAL B 123 -23.42 18.27 -5.93
C VAL B 123 -24.34 18.47 -7.12
N ASN B 124 -25.56 17.96 -7.01
CA ASN B 124 -26.57 18.05 -8.06
C ASN B 124 -26.04 17.58 -9.40
N GLN B 125 -25.44 16.40 -9.39
CA GLN B 125 -24.86 15.77 -10.57
C GLN B 125 -25.67 14.52 -10.96
N PRO B 126 -25.52 14.08 -12.22
CA PRO B 126 -26.23 12.89 -12.69
C PRO B 126 -25.78 11.67 -11.87
N SER B 127 -26.71 10.75 -11.61
CA SER B 127 -26.43 9.54 -10.84
C SER B 127 -27.38 8.43 -11.28
N ILE B 128 -27.30 7.28 -10.64
CA ILE B 128 -28.18 6.16 -10.97
C ILE B 128 -29.62 6.37 -10.49
N ILE B 129 -29.84 7.43 -9.72
CA ILE B 129 -31.18 7.75 -9.20
C ILE B 129 -31.64 9.13 -9.72
N GLY B 130 -30.93 9.65 -10.72
CA GLY B 130 -31.24 10.94 -11.29
C GLY B 130 -30.26 11.97 -10.77
N THR B 131 -30.66 13.23 -10.75
CA THR B 131 -29.78 14.28 -10.25
C THR B 131 -29.77 14.22 -8.73
N ALA B 132 -28.57 14.14 -8.15
CA ALA B 132 -28.43 14.04 -6.70
C ALA B 132 -27.07 14.46 -6.21
N THR B 133 -26.90 14.49 -4.89
CA THR B 133 -25.64 14.85 -4.28
C THR B 133 -25.10 13.58 -3.63
N PHE B 134 -23.82 13.31 -3.86
CA PHE B 134 -23.20 12.11 -3.34
C PHE B 134 -21.68 12.23 -3.30
N TYR B 135 -21.04 11.32 -2.56
CA TYR B 135 -19.60 11.29 -2.48
C TYR B 135 -19.04 10.29 -3.49
N GLN B 136 -17.86 10.60 -4.00
CA GLN B 136 -17.13 9.77 -4.95
C GLN B 136 -15.91 9.26 -4.20
N TYR B 137 -15.68 7.95 -4.22
CA TYR B 137 -14.52 7.38 -3.59
C TYR B 137 -13.56 6.91 -4.68
N TRP B 138 -12.27 7.15 -4.48
CA TRP B 138 -11.27 6.78 -5.46
C TRP B 138 -10.10 6.03 -4.86
N SER B 139 -9.56 5.10 -5.64
CA SER B 139 -8.37 4.32 -5.30
C SER B 139 -7.61 4.38 -6.62
N VAL B 140 -6.50 5.12 -6.64
CA VAL B 140 -5.72 5.27 -7.88
C VAL B 140 -4.39 4.54 -7.83
N ARG B 141 -4.26 3.55 -8.73
CA ARG B 141 -3.06 2.72 -8.81
C ARG B 141 -1.85 3.52 -9.27
N ARG B 142 -0.74 3.36 -8.56
CA ARG B 142 0.49 4.06 -8.92
C ARG B 142 1.16 3.41 -10.12
N ASN B 143 1.24 2.08 -10.11
CA ASN B 143 1.86 1.34 -11.21
C ASN B 143 0.77 0.95 -12.20
N HIS B 144 0.61 1.75 -13.24
CA HIS B 144 -0.42 1.51 -14.27
C HIS B 144 -0.31 0.18 -14.98
N ARG B 145 -1.46 -0.39 -15.31
CA ARG B 145 -1.53 -1.67 -16.02
C ARG B 145 -2.85 -1.78 -16.77
N SER B 146 -2.91 -2.70 -17.73
CA SER B 146 -4.13 -2.90 -18.52
C SER B 146 -4.66 -4.32 -18.39
N SER B 147 -3.99 -5.12 -17.57
CA SER B 147 -4.37 -6.50 -17.32
C SER B 147 -4.08 -6.84 -15.86
N GLY B 148 -4.94 -7.66 -15.25
CA GLY B 148 -4.71 -8.03 -13.88
C GLY B 148 -5.95 -8.47 -13.13
N SER B 149 -5.81 -8.55 -11.82
CA SER B 149 -6.91 -8.94 -10.94
C SER B 149 -7.02 -7.88 -9.86
N VAL B 150 -8.25 -7.49 -9.55
CA VAL B 150 -8.49 -6.49 -8.51
C VAL B 150 -9.32 -7.11 -7.39
N ASN B 151 -8.73 -7.19 -6.20
CA ASN B 151 -9.43 -7.73 -5.05
C ASN B 151 -10.18 -6.53 -4.48
N THR B 152 -11.45 -6.38 -4.83
CA THR B 152 -12.26 -5.25 -4.38
C THR B 152 -12.33 -5.09 -2.89
N ALA B 153 -12.36 -6.20 -2.16
CA ALA B 153 -12.46 -6.17 -0.72
C ALA B 153 -11.36 -5.34 -0.07
N ASN B 154 -10.16 -5.40 -0.63
CA ASN B 154 -9.03 -4.64 -0.09
C ASN B 154 -9.31 -3.14 -0.11
N HIS B 155 -9.97 -2.70 -1.17
CA HIS B 155 -10.31 -1.30 -1.32
C HIS B 155 -11.50 -0.88 -0.46
N PHE B 156 -12.54 -1.70 -0.46
CA PHE B 156 -13.73 -1.39 0.34
C PHE B 156 -13.36 -1.32 1.82
N ASN B 157 -12.46 -2.19 2.24
CA ASN B 157 -12.00 -2.24 3.63
C ASN B 157 -11.18 -1.00 3.96
N ALA B 158 -10.34 -0.56 3.03
CA ALA B 158 -9.53 0.62 3.22
C ALA B 158 -10.43 1.85 3.31
N TRP B 159 -11.44 1.90 2.45
CA TRP B 159 -12.37 3.02 2.43
C TRP B 159 -13.15 3.03 3.74
N ALA B 160 -13.51 1.84 4.22
CA ALA B 160 -14.26 1.68 5.47
C ALA B 160 -13.49 2.26 6.64
N GLN B 161 -12.17 2.11 6.62
CA GLN B 161 -11.33 2.65 7.67
C GLN B 161 -11.33 4.17 7.66
N GLN B 162 -11.56 4.76 6.49
CA GLN B 162 -11.61 6.21 6.37
C GLN B 162 -12.99 6.79 6.62
N GLY B 163 -13.96 5.94 6.93
CA GLY B 163 -15.30 6.42 7.20
C GLY B 163 -16.38 6.04 6.22
N LEU B 164 -16.05 5.27 5.18
CA LEU B 164 -17.06 4.87 4.21
C LEU B 164 -17.85 3.67 4.69
N THR B 165 -19.16 3.70 4.46
CA THR B 165 -20.00 2.59 4.86
C THR B 165 -20.97 2.26 3.72
N LEU B 166 -20.45 1.55 2.72
CA LEU B 166 -21.24 1.15 1.55
C LEU B 166 -22.50 0.40 2.00
N GLY B 167 -23.62 0.68 1.34
CA GLY B 167 -24.87 0.02 1.68
C GLY B 167 -25.19 -1.09 0.71
N THR B 168 -26.21 -0.86 -0.12
CA THR B 168 -26.64 -1.83 -1.11
C THR B 168 -25.86 -1.58 -2.40
N MET B 169 -25.15 -2.61 -2.86
CA MET B 169 -24.36 -2.50 -4.07
C MET B 169 -25.24 -2.57 -5.32
N ASP B 170 -25.02 -1.62 -6.23
CA ASP B 170 -25.74 -1.61 -7.50
C ASP B 170 -24.74 -2.23 -8.49
N TYR B 171 -24.65 -1.75 -9.73
CA TYR B 171 -23.72 -2.38 -10.67
C TYR B 171 -22.23 -2.18 -10.35
N GLN B 172 -21.42 -3.09 -10.89
CA GLN B 172 -19.98 -3.10 -10.66
C GLN B 172 -19.35 -3.61 -11.96
N ILE B 173 -18.70 -2.72 -12.70
CA ILE B 173 -18.13 -3.08 -13.99
C ILE B 173 -16.70 -2.61 -14.18
N VAL B 174 -16.03 -3.16 -15.19
CA VAL B 174 -14.69 -2.69 -15.54
C VAL B 174 -15.05 -1.77 -16.71
N ALA B 175 -14.70 -0.50 -16.58
CA ALA B 175 -15.06 0.46 -17.59
C ALA B 175 -13.98 1.41 -18.06
N VAL B 176 -14.18 1.90 -19.28
CA VAL B 176 -13.28 2.87 -19.89
C VAL B 176 -14.08 4.18 -19.88
N GLU B 177 -13.49 5.22 -19.31
CA GLU B 177 -14.14 6.53 -19.28
C GLU B 177 -13.28 7.47 -20.11
N GLY B 178 -13.93 8.34 -20.87
CA GLY B 178 -13.19 9.27 -21.69
C GLY B 178 -13.74 10.67 -21.53
N TYR B 179 -12.87 11.67 -21.65
CA TYR B 179 -13.28 13.06 -21.53
C TYR B 179 -12.63 13.92 -22.62
N PHE B 180 -13.39 14.19 -23.67
CA PHE B 180 -12.95 15.01 -24.80
C PHE B 180 -11.57 14.62 -25.32
N SER B 181 -11.43 13.36 -25.70
CA SER B 181 -10.16 12.86 -26.19
C SER B 181 -10.38 11.83 -27.30
N SER B 182 -9.36 11.02 -27.53
CA SER B 182 -9.42 9.97 -28.54
C SER B 182 -8.77 8.72 -27.96
N GLY B 183 -8.94 7.58 -28.63
CA GLY B 183 -8.33 6.37 -28.15
C GLY B 183 -9.04 5.13 -28.57
N SER B 184 -8.55 4.00 -28.11
CA SER B 184 -9.15 2.71 -28.41
C SER B 184 -8.87 1.77 -27.25
N ALA B 185 -9.77 0.81 -27.05
CA ALA B 185 -9.64 -0.16 -25.98
C ALA B 185 -10.46 -1.40 -26.33
N SER B 186 -9.93 -2.54 -25.92
CA SER B 186 -10.59 -3.82 -26.10
C SER B 186 -10.31 -4.52 -24.79
N ILE B 187 -11.33 -4.64 -23.94
CA ILE B 187 -11.16 -5.24 -22.63
C ILE B 187 -12.09 -6.42 -22.39
N THR B 188 -11.54 -7.46 -21.76
CA THR B 188 -12.32 -8.64 -21.44
C THR B 188 -12.34 -8.82 -19.92
N VAL B 189 -13.53 -8.94 -19.36
CA VAL B 189 -13.71 -9.11 -17.93
C VAL B 189 -14.11 -10.55 -17.62
N SER B 190 -13.83 -10.98 -16.40
CA SER B 190 -14.19 -12.32 -15.93
C SER B 190 -14.17 -12.38 -14.41
C1 07E C . -23.16 8.10 -15.01
C2 07E C . -23.37 6.59 -14.72
C3 07E C . -24.78 6.20 -15.22
C4 07E C . -25.86 7.04 -14.51
C5 07E C . -25.53 8.54 -14.70
O1 07E C . -21.86 8.60 -14.60
O2 07E C . -22.45 5.77 -15.40
O3 07E C . -25.02 4.84 -14.99
O4 07E C . -27.14 6.73 -15.05
O5 07E C . -24.16 8.82 -14.31
C1' 07E C . -21.24 9.53 -15.53
C2' 07E C . -20.10 10.38 -14.92
C3' 07E C . -18.70 9.76 -14.78
C4' 07E C . -18.01 9.39 -16.11
O' 07E C . -18.82 8.62 -13.97
C BEZ D . -28.98 -6.18 -31.44
O1 BEZ D . -29.28 -7.29 -31.92
O2 BEZ D . -29.23 -5.86 -30.25
C1 BEZ D . -28.34 -5.25 -32.26
C2 BEZ D . -28.13 -5.51 -33.61
C3 BEZ D . -27.48 -4.58 -34.43
C4 BEZ D . -27.04 -3.38 -33.90
C5 BEZ D . -27.24 -3.09 -32.55
C6 BEZ D . -27.89 -4.03 -31.75
#